data_5KKE
#
_entry.id   5KKE
#
_cell.length_a   49.740
_cell.length_b   69.326
_cell.length_c   72.482
_cell.angle_alpha   90.000
_cell.angle_beta   90.000
_cell.angle_gamma   90.000
#
_symmetry.space_group_name_H-M   'I 2 2 2'
#
loop_
_entity.id
_entity.type
_entity.pdbx_description
1 polymer 'Cytochrome c iso-1'
2 non-polymer 'HEME C'
3 non-polymer 'SULFATE ION'
4 non-polymer 5-CYCLOHEXYL-1-PENTYL-BETA-D-MALTOSIDE
5 non-polymer 'CHLORIDE ION'
6 non-polymer GLYCEROL
7 water water
#
_entity_poly.entity_id   1
_entity_poly.type   'polypeptide(L)'
_entity_poly.pdbx_seq_one_letter_code
;TEFKAGSAKKGATLFKTRCLQCHTVEKGGPHKVGPNLHGIFGRHSGQAEGYSYTDANIKKNVLWDENNMSEYLTNPAKYI
PGTKMAFGGLKKEKDRNDLITYLKKASE
;
_entity_poly.pdbx_strand_id   A
#
# COMPACT_ATOMS: atom_id res chain seq x y z
N THR A 1 3.16 -18.16 4.08
CA THR A 1 4.54 -18.45 3.76
C THR A 1 5.24 -17.22 3.16
N GLU A 2 6.42 -17.42 2.56
CA GLU A 2 7.34 -16.35 2.21
C GLU A 2 7.60 -16.32 0.70
N PHE A 3 8.47 -15.39 0.29
CA PHE A 3 8.78 -15.22 -1.13
C PHE A 3 9.67 -16.37 -1.64
N LYS A 4 9.36 -16.82 -2.86
CA LYS A 4 10.15 -17.81 -3.58
C LYS A 4 10.37 -17.31 -5.00
N ALA A 5 11.61 -17.40 -5.48
CA ALA A 5 11.96 -16.95 -6.82
C ALA A 5 10.99 -17.51 -7.85
N GLY A 6 10.44 -16.62 -8.68
CA GLY A 6 9.44 -17.00 -9.66
C GLY A 6 9.84 -16.68 -11.09
N SER A 7 8.85 -16.37 -11.92
CA SER A 7 9.06 -16.08 -13.34
C SER A 7 9.16 -14.58 -13.55
N ALA A 8 10.38 -14.09 -13.80
CA ALA A 8 10.52 -12.67 -14.12
C ALA A 8 9.74 -12.33 -15.40
N LYS A 9 9.60 -13.30 -16.31
CA LYS A 9 8.89 -13.04 -17.56
C LYS A 9 7.40 -12.80 -17.32
N LYS A 10 6.76 -13.69 -16.56
CA LYS A 10 5.37 -13.41 -16.16
C LYS A 10 5.27 -12.17 -15.30
N GLY A 11 6.29 -11.91 -14.47
CA GLY A 11 6.26 -10.72 -13.63
C GLY A 11 6.34 -9.43 -14.43
N ALA A 12 7.08 -9.46 -15.55
CA ALA A 12 7.13 -8.32 -16.44
C ALA A 12 5.74 -7.99 -16.98
N THR A 13 4.97 -9.01 -17.35
CA THR A 13 3.62 -8.80 -17.86
C THR A 13 2.69 -8.29 -16.77
N LEU A 14 2.80 -8.86 -15.57
CA LEU A 14 2.02 -8.34 -14.44
C LEU A 14 2.31 -6.88 -14.19
N PHE A 15 3.60 -6.49 -14.22
CA PHE A 15 3.91 -5.07 -13.97
C PHE A 15 3.26 -4.18 -15.03
N LYS A 16 3.38 -4.56 -16.30
CA LYS A 16 2.82 -3.78 -17.39
C LYS A 16 1.31 -3.62 -17.26
N THR A 17 0.61 -4.67 -16.87
CA THR A 17 -0.85 -4.63 -16.83
C THR A 17 -1.41 -4.18 -15.49
N ARG A 18 -0.62 -4.24 -14.41
CA ARG A 18 -1.15 -3.96 -13.08
C ARG A 18 -0.49 -2.80 -12.36
N CYS A 19 0.69 -2.38 -12.78
CA CYS A 19 1.47 -1.38 -12.04
C CYS A 19 1.79 -0.16 -12.87
N LEU A 20 2.05 -0.35 -14.17
CA LEU A 20 2.54 0.74 -15.01
C LEU A 20 1.57 1.93 -15.04
N GLN A 21 0.28 1.68 -14.85
CA GLN A 21 -0.68 2.79 -14.83
C GLN A 21 -0.32 3.83 -13.77
N CYS A 22 0.33 3.43 -12.68
CA CYS A 22 0.68 4.37 -11.62
C CYS A 22 2.16 4.45 -11.30
N HIS A 23 3.02 3.63 -11.91
CA HIS A 23 4.45 3.61 -11.58
C HIS A 23 5.32 3.40 -12.80
N THR A 24 6.46 4.08 -12.83
CA THR A 24 7.55 3.68 -13.71
C THR A 24 8.60 3.01 -12.85
N VAL A 25 9.59 2.39 -13.50
N VAL A 25 9.53 2.32 -13.51
CA VAL A 25 10.59 1.68 -12.73
CA VAL A 25 10.55 1.58 -12.79
C VAL A 25 12.02 1.99 -13.18
C VAL A 25 11.96 1.98 -13.19
N GLU A 26 12.17 2.60 -14.36
CA GLU A 26 13.52 2.86 -14.85
C GLU A 26 14.18 4.01 -14.10
N LYS A 27 15.52 4.00 -14.06
CA LYS A 27 16.24 5.06 -13.38
C LYS A 27 15.95 6.40 -14.05
N GLY A 28 15.52 7.36 -13.25
CA GLY A 28 15.17 8.66 -13.78
C GLY A 28 13.78 8.73 -14.38
N GLY A 29 12.99 7.66 -14.28
CA GLY A 29 11.67 7.62 -14.85
C GLY A 29 10.76 8.55 -14.06
N PRO A 30 9.69 8.99 -14.70
CA PRO A 30 8.84 10.01 -14.08
C PRO A 30 7.98 9.45 -12.96
N HIS A 31 7.59 10.34 -12.05
CA HIS A 31 6.53 9.95 -11.13
C HIS A 31 5.19 10.03 -11.86
N LYS A 32 4.21 9.29 -11.34
CA LYS A 32 2.84 9.31 -11.83
C LYS A 32 1.93 9.46 -10.63
N VAL A 33 0.75 8.84 -10.67
CA VAL A 33 -0.06 8.79 -9.45
C VAL A 33 0.77 8.28 -8.28
N GLY A 34 1.60 7.26 -8.54
CA GLY A 34 2.55 6.73 -7.61
C GLY A 34 3.98 7.08 -7.98
N PRO A 35 4.89 6.83 -7.05
CA PRO A 35 6.30 7.21 -7.24
C PRO A 35 7.05 6.24 -8.13
N ASN A 36 8.03 6.78 -8.85
CA ASN A 36 8.98 5.94 -9.57
C ASN A 36 9.62 4.97 -8.57
N LEU A 37 9.83 3.73 -9.02
CA LEU A 37 10.24 2.62 -8.17
C LEU A 37 11.68 2.19 -8.39
N HIS A 38 12.47 2.96 -9.14
CA HIS A 38 13.87 2.58 -9.30
C HIS A 38 14.56 2.57 -7.94
N GLY A 39 15.30 1.51 -7.66
CA GLY A 39 16.05 1.39 -6.42
C GLY A 39 15.22 1.08 -5.20
N ILE A 40 13.99 0.60 -5.39
CA ILE A 40 13.06 0.45 -4.28
C ILE A 40 13.56 -0.59 -3.29
N PHE A 41 14.19 -1.66 -3.78
CA PHE A 41 14.67 -2.68 -2.87
C PHE A 41 15.96 -2.22 -2.22
N GLY A 42 16.02 -2.30 -0.89
CA GLY A 42 17.17 -1.84 -0.15
C GLY A 42 17.05 -0.43 0.41
N ARG A 43 16.13 0.39 -0.11
CA ARG A 43 15.84 1.67 0.54
C ARG A 43 14.56 1.53 1.35
N HIS A 44 14.34 2.51 2.24
CA HIS A 44 13.15 2.46 3.08
C HIS A 44 11.93 2.95 2.31
N SER A 45 10.76 2.59 2.81
CA SER A 45 9.53 3.01 2.15
C SER A 45 9.38 4.52 2.28
N GLY A 46 8.67 5.11 1.32
CA GLY A 46 8.23 6.49 1.46
C GLY A 46 9.31 7.54 1.31
N GLN A 47 10.36 7.28 0.51
CA GLN A 47 11.46 8.23 0.38
C GLN A 47 11.93 8.45 -1.05
N ALA A 48 11.13 8.16 -2.08
CA ALA A 48 11.60 8.43 -3.45
C ALA A 48 11.86 9.91 -3.64
N GLU A 49 12.99 10.24 -4.28
CA GLU A 49 13.34 11.63 -4.53
C GLU A 49 12.28 12.31 -5.39
N GLY A 50 11.81 13.47 -4.96
CA GLY A 50 10.91 14.27 -5.78
C GLY A 50 9.44 13.89 -5.71
N TYR A 51 9.06 13.00 -4.78
CA TYR A 51 7.67 12.59 -4.59
C TYR A 51 7.31 12.75 -3.12
N SER A 52 6.10 13.26 -2.88
CA SER A 52 5.62 13.49 -1.52
C SER A 52 4.38 12.62 -1.29
N TYR A 53 4.43 11.82 -0.22
CA TYR A 53 3.52 10.70 0.01
C TYR A 53 2.34 11.12 0.91
N THR A 54 1.37 10.21 1.02
CA THR A 54 0.32 10.41 2.02
C THR A 54 0.93 10.26 3.42
N ASP A 55 0.08 10.49 4.43
CA ASP A 55 0.50 10.33 5.82
C ASP A 55 0.91 8.90 6.17
N ALA A 56 0.66 7.93 5.28
CA ALA A 56 1.10 6.56 5.52
C ALA A 56 2.59 6.50 5.86
N ASN A 57 3.41 7.40 5.29
N ASN A 57 3.37 7.42 5.27
CA ASN A 57 4.85 7.24 5.50
CA ASN A 57 4.81 7.42 5.44
C ASN A 57 5.35 7.89 6.79
C ASN A 57 5.22 7.62 6.89
N ILE A 58 4.46 8.42 7.64
CA ILE A 58 4.81 8.71 9.02
C ILE A 58 4.13 7.75 9.99
N LYS A 59 3.25 6.88 9.49
CA LYS A 59 2.60 5.85 10.30
C LYS A 59 3.24 4.48 10.15
N LYS A 60 3.77 4.20 8.95
CA LYS A 60 4.37 2.92 8.60
C LYS A 60 5.77 3.14 8.05
N ASN A 61 6.65 2.16 8.25
CA ASN A 61 7.97 2.21 7.63
C ASN A 61 8.55 0.81 7.53
N VAL A 62 8.92 0.39 6.32
CA VAL A 62 9.64 -0.86 6.11
C VAL A 62 10.87 -0.63 5.26
N LEU A 63 11.86 -1.49 5.44
CA LEU A 63 12.97 -1.61 4.50
C LEU A 63 12.53 -2.65 3.48
N TRP A 64 12.20 -2.21 2.26
CA TRP A 64 11.58 -3.11 1.31
C TRP A 64 12.47 -4.30 1.00
N ASP A 65 11.90 -5.49 1.09
CA ASP A 65 12.54 -6.70 0.58
C ASP A 65 11.47 -7.56 -0.07
N GLU A 66 11.87 -8.76 -0.52
CA GLU A 66 10.93 -9.63 -1.22
C GLU A 66 9.75 -10.02 -0.34
N ASN A 67 10.01 -10.28 0.94
CA ASN A 67 8.98 -10.79 1.84
C ASN A 67 7.95 -9.73 2.16
N ASN A 68 8.39 -8.58 2.67
CA ASN A 68 7.40 -7.59 3.08
C ASN A 68 6.75 -6.90 1.88
N MET A 69 7.40 -6.87 0.70
CA MET A 69 6.65 -6.38 -0.44
C MET A 69 5.61 -7.40 -0.90
N SER A 70 5.87 -8.70 -0.71
CA SER A 70 4.84 -9.68 -1.04
C SER A 70 3.61 -9.50 -0.15
N GLU A 71 3.83 -9.32 1.16
CA GLU A 71 2.72 -9.04 2.06
C GLU A 71 1.98 -7.76 1.65
N TYR A 72 2.73 -6.69 1.35
CA TYR A 72 2.13 -5.42 0.94
C TYR A 72 1.26 -5.59 -0.28
N LEU A 73 1.73 -6.32 -1.28
CA LEU A 73 0.95 -6.44 -2.52
C LEU A 73 -0.28 -7.35 -2.38
N THR A 74 -0.55 -7.95 -1.23
CA THR A 74 -1.85 -8.60 -1.08
C THR A 74 -2.96 -7.57 -0.97
N ASN A 75 -2.67 -6.37 -0.45
CA ASN A 75 -3.71 -5.37 -0.28
C ASN A 75 -3.08 -4.00 -0.04
N PRO A 76 -2.56 -3.34 -1.09
CA PRO A 76 -1.93 -2.04 -0.87
C PRO A 76 -2.93 -0.98 -0.43
N ALA A 77 -4.21 -1.13 -0.80
CA ALA A 77 -5.17 -0.08 -0.49
C ALA A 77 -5.36 0.10 1.00
N LYS A 78 -5.17 -0.96 1.80
CA LYS A 78 -5.44 -0.77 3.22
C LYS A 78 -4.43 0.15 3.87
N TYR A 79 -3.31 0.47 3.21
CA TYR A 79 -2.33 1.41 3.75
C TYR A 79 -2.53 2.83 3.25
N ILE A 80 -3.50 3.04 2.36
N ILE A 80 -3.51 3.07 2.38
CA ILE A 80 -3.86 4.39 1.91
CA ILE A 80 -3.83 4.41 1.91
C ILE A 80 -4.81 5.01 2.94
C ILE A 80 -4.80 5.03 2.90
N PRO A 81 -4.46 6.15 3.54
CA PRO A 81 -5.39 6.79 4.48
C PRO A 81 -6.74 7.06 3.81
N GLY A 82 -7.82 6.72 4.52
CA GLY A 82 -9.16 6.92 4.01
C GLY A 82 -9.86 5.65 3.51
N THR A 83 -9.10 4.68 3.02
N THR A 83 -9.12 4.66 3.03
CA THR A 83 -9.72 3.46 2.48
CA THR A 83 -9.79 3.50 2.46
C THR A 83 -10.57 2.77 3.52
C THR A 83 -10.55 2.71 3.51
N LYS A 84 -10.07 2.67 4.75
CA LYS A 84 -10.81 1.95 5.78
C LYS A 84 -12.04 2.73 6.19
N MET A 85 -11.92 4.05 6.35
CA MET A 85 -13.11 4.81 6.72
C MET A 85 -14.17 4.84 5.63
N ALA A 86 -13.79 4.62 4.36
CA ALA A 86 -14.69 4.86 3.23
C ALA A 86 -16.01 4.09 3.35
N PHE A 87 -15.96 2.83 3.74
CA PHE A 87 -17.14 1.97 3.88
C PHE A 87 -17.46 1.68 5.34
N GLY A 88 -17.21 2.67 6.20
CA GLY A 88 -17.64 2.63 7.58
C GLY A 88 -16.60 2.17 8.58
N GLY A 89 -15.34 2.09 8.19
CA GLY A 89 -14.32 1.60 9.10
C GLY A 89 -14.14 2.53 10.30
N LEU A 90 -13.95 1.93 11.47
CA LEU A 90 -13.82 2.64 12.73
C LEU A 90 -12.51 2.21 13.37
N LYS A 91 -11.52 3.10 13.37
CA LYS A 91 -10.18 2.78 13.83
C LYS A 91 -10.15 2.46 15.33
N LYS A 92 -10.95 3.17 16.11
CA LYS A 92 -10.88 3.08 17.57
C LYS A 92 -11.77 1.94 18.05
N GLU A 93 -11.20 1.04 18.85
CA GLU A 93 -11.98 -0.07 19.40
C GLU A 93 -13.17 0.44 20.20
N LYS A 94 -12.99 1.54 20.93
CA LYS A 94 -14.08 2.11 21.70
C LYS A 94 -15.20 2.63 20.81
N ASP A 95 -14.88 3.15 19.62
CA ASP A 95 -15.91 3.58 18.68
C ASP A 95 -16.68 2.38 18.14
N ARG A 96 -15.99 1.28 17.84
CA ARG A 96 -16.70 0.09 17.36
C ARG A 96 -17.60 -0.46 18.44
N ASN A 97 -17.14 -0.43 19.70
CA ASN A 97 -17.98 -0.86 20.81
C ASN A 97 -19.23 -0.01 20.93
N ASP A 98 -19.06 1.31 20.86
CA ASP A 98 -20.22 2.20 20.96
C ASP A 98 -21.19 1.99 19.80
N LEU A 99 -20.66 1.96 18.58
CA LEU A 99 -21.52 1.72 17.41
C LEU A 99 -22.30 0.43 17.57
N ILE A 100 -21.61 -0.67 17.89
CA ILE A 100 -22.27 -1.96 17.93
C ILE A 100 -23.29 -2.03 19.07
N THR A 101 -22.97 -1.42 20.23
CA THR A 101 -23.95 -1.38 21.31
C THR A 101 -25.23 -0.68 20.86
N TYR A 102 -25.09 0.41 20.09
CA TYR A 102 -26.25 1.09 19.53
C TYR A 102 -26.96 0.23 18.48
N LEU A 103 -26.18 -0.34 17.55
CA LEU A 103 -26.81 -1.06 16.44
C LEU A 103 -27.57 -2.27 16.94
N LYS A 104 -27.09 -2.90 18.01
CA LYS A 104 -27.82 -4.03 18.58
C LYS A 104 -29.24 -3.63 19.00
N LYS A 105 -29.39 -2.46 19.62
CA LYS A 105 -30.72 -1.99 20.02
C LYS A 105 -31.50 -1.49 18.82
N ALA A 106 -30.86 -0.66 17.98
CA ALA A 106 -31.58 0.00 16.91
C ALA A 106 -32.09 -0.97 15.85
N SER A 107 -31.38 -2.08 15.66
CA SER A 107 -31.76 -3.03 14.62
C SER A 107 -32.71 -4.11 15.12
N GLU A 108 -33.02 -4.16 16.41
CA GLU A 108 -33.85 -5.22 16.92
C GLU A 108 -35.29 -4.91 16.56
#